data_3IHT
#
_entry.id   3IHT
#
_cell.length_a   97.568
_cell.length_b   97.568
_cell.length_c   85.813
_cell.angle_alpha   90.000
_cell.angle_beta   90.000
_cell.angle_gamma   120.000
#
_symmetry.space_group_name_H-M   'P 32 2 1'
#
loop_
_entity.id
_entity.type
_entity.pdbx_description
1 polymer 'S-adenosyl-L-methionine methyl transferase'
2 non-polymer S-ADENOSYLMETHIONINE
3 non-polymer 'NICKEL (II) ION'
4 non-polymer GLYCEROL
5 water water
#
_entity_poly.entity_id   1
_entity_poly.type   'polypeptide(L)'
_entity_poly.pdbx_seq_one_letter_code
;G(MSE)RE(MSE)QI(MSE)SQPEQSRLDLFIDR(MSE)VSQRACLEHAIAQTAGLSGPVYELGLGNGRTYHHLRQHVQG
REIYVFERAVASHPDSTPPEAQLILGDIRETLPATLERFGATASLVHADLGGHNREKNDRFARLISPLIEPHLAQGGL
(MSE)VSSDR(MSE)YFEGLEELPLPPGAVVGRCFIYRRG
;
_entity_poly.pdbx_strand_id   A,B
#
# COMPACT_ATOMS: atom_id res chain seq x y z
N GLU A 12 3.08 -4.81 -18.83
CA GLU A 12 2.72 -3.51 -18.21
C GLU A 12 2.04 -3.73 -16.85
N GLN A 13 2.42 -2.90 -15.88
CA GLN A 13 1.88 -3.00 -14.54
C GLN A 13 1.34 -1.67 -14.06
N SER A 14 0.24 -1.74 -13.32
CA SER A 14 -0.39 -0.56 -12.75
C SER A 14 0.32 -0.22 -11.48
N ARG A 15 -0.04 0.92 -10.91
CA ARG A 15 0.47 1.32 -9.62
C ARG A 15 -0.06 0.42 -8.50
N LEU A 16 -1.23 -0.16 -8.72
CA LEU A 16 -1.80 -1.14 -7.79
C LEU A 16 -0.95 -2.43 -7.82
N ASP A 17 -0.65 -2.91 -9.02
CA ASP A 17 0.17 -4.14 -9.15
C ASP A 17 1.54 -3.93 -8.45
N LEU A 18 2.17 -2.78 -8.69
CA LEU A 18 3.48 -2.46 -8.08
C LEU A 18 3.44 -2.36 -6.57
N PHE A 19 2.36 -1.78 -6.05
CA PHE A 19 2.24 -1.62 -4.60
C PHE A 19 2.04 -2.96 -3.92
N ILE A 20 1.21 -3.82 -4.51
CA ILE A 20 1.00 -5.17 -4.00
C ILE A 20 2.35 -5.93 -4.02
N ASP A 21 3.03 -5.88 -5.15
CA ASP A 21 4.31 -6.56 -5.32
C ASP A 21 5.35 -6.02 -4.34
N ARG A 22 5.34 -4.70 -4.08
CA ARG A 22 6.20 -4.13 -3.05
C ARG A 22 5.93 -4.69 -1.68
N VAL A 24 4.28 -7.47 -0.73
CA VAL A 24 4.50 -8.90 -0.69
C VAL A 24 6.02 -9.17 -0.62
N SER A 25 6.79 -8.40 -1.37
CA SER A 25 8.24 -8.57 -1.36
C SER A 25 8.86 -8.15 -0.03
N GLN A 26 8.36 -7.06 0.58
CA GLN A 26 8.84 -6.65 1.92
C GLN A 26 8.61 -7.67 2.95
N ARG A 27 7.41 -8.24 2.96
CA ARG A 27 7.11 -9.24 3.92
C ARG A 27 8.07 -10.41 3.72
N ALA A 28 8.21 -10.89 2.48
CA ALA A 28 9.05 -12.10 2.19
C ALA A 28 10.52 -11.81 2.55
N CYS A 29 11.02 -10.66 2.11
CA CYS A 29 12.42 -10.27 2.33
C CYS A 29 12.72 -10.02 3.80
N LEU A 30 11.81 -9.32 4.49
CA LEU A 30 12.05 -9.07 5.92
C LEU A 30 11.99 -10.32 6.77
N GLU A 31 11.03 -11.20 6.53
CA GLU A 31 10.97 -12.44 7.30
C GLU A 31 12.23 -13.30 7.07
N HIS A 32 12.66 -13.35 5.82
CA HIS A 32 13.89 -14.04 5.47
C HIS A 32 15.09 -13.40 6.17
N ALA A 33 15.19 -12.06 6.08
CA ALA A 33 16.32 -11.33 6.65
C ALA A 33 16.39 -11.46 8.17
N ILE A 34 15.23 -11.43 8.85
CA ILE A 34 15.18 -11.64 10.29
C ILE A 34 15.74 -13.03 10.65
N ALA A 35 15.28 -14.05 9.96
CA ALA A 35 15.76 -15.42 10.20
C ALA A 35 17.27 -15.56 9.98
N GLN A 36 17.72 -14.96 8.89
CA GLN A 36 19.13 -15.01 8.48
C GLN A 36 20.04 -14.22 9.41
N THR A 37 19.48 -13.36 10.24
CA THR A 37 20.25 -12.57 11.21
C THR A 37 19.94 -12.87 12.67
N ALA A 38 19.24 -13.98 12.91
CA ALA A 38 18.77 -14.34 14.25
C ALA A 38 19.96 -14.64 15.22
N GLY A 39 21.13 -14.97 14.70
CA GLY A 39 22.30 -15.14 15.57
C GLY A 39 23.02 -13.83 15.97
N LEU A 40 22.51 -12.69 15.50
CA LEU A 40 23.09 -11.38 15.83
C LEU A 40 22.19 -10.70 16.87
N SER A 41 22.77 -9.89 17.75
CA SER A 41 21.98 -9.26 18.81
C SER A 41 21.88 -7.75 18.69
N GLY A 42 22.59 -7.17 17.74
CA GLY A 42 22.48 -5.75 17.47
C GLY A 42 21.12 -5.36 16.90
N PRO A 43 20.79 -4.07 16.93
CA PRO A 43 19.44 -3.66 16.58
C PRO A 43 19.06 -3.74 15.11
N VAL A 44 17.76 -3.70 14.90
CA VAL A 44 17.14 -3.53 13.61
C VAL A 44 16.85 -2.05 13.43
N TYR A 45 17.25 -1.49 12.29
CA TYR A 45 16.96 -0.11 11.96
C TYR A 45 15.89 -0.07 10.90
N GLU A 46 14.84 0.69 11.14
CA GLU A 46 13.73 0.90 10.21
C GLU A 46 13.82 2.33 9.70
N LEU A 47 14.17 2.49 8.43
CA LEU A 47 14.37 3.82 7.86
C LEU A 47 13.09 4.23 7.16
N GLY A 48 12.38 5.19 7.75
CA GLY A 48 11.09 5.62 7.22
C GLY A 48 9.96 4.91 7.93
N LEU A 49 9.19 5.62 8.70
CA LEU A 49 8.06 5.01 9.42
C LEU A 49 6.78 5.00 8.60
N GLY A 50 6.41 6.17 8.07
CA GLY A 50 5.15 6.35 7.38
C GLY A 50 3.93 5.91 8.18
N ASN A 51 3.02 5.21 7.53
CA ASN A 51 1.84 4.67 8.22
C ASN A 51 2.23 3.67 9.31
N GLY A 52 3.33 2.96 9.10
CA GLY A 52 3.91 2.08 10.08
C GLY A 52 3.65 0.59 9.91
N ARG A 53 3.21 0.17 8.71
CA ARG A 53 2.91 -1.26 8.48
C ARG A 53 4.10 -2.17 8.56
N THR A 54 5.23 -1.82 7.96
CA THR A 54 6.39 -2.69 8.05
CA THR A 54 6.40 -2.60 8.02
C THR A 54 6.94 -2.64 9.46
N TYR A 55 6.88 -1.49 10.11
CA TYR A 55 7.30 -1.41 11.51
C TYR A 55 6.46 -2.37 12.38
N HIS A 56 5.17 -2.36 12.18
CA HIS A 56 4.26 -3.25 12.90
C HIS A 56 4.63 -4.70 12.66
N HIS A 57 4.95 -5.01 11.40
CA HIS A 57 5.37 -6.37 11.02
C HIS A 57 6.67 -6.77 11.73
N LEU A 58 7.65 -5.86 11.74
CA LEU A 58 8.90 -6.10 12.43
C LEU A 58 8.67 -6.36 13.93
N ARG A 59 7.81 -5.55 14.54
CA ARG A 59 7.52 -5.72 15.97
CA ARG A 59 7.50 -5.73 15.96
C ARG A 59 6.97 -7.12 16.25
N GLN A 60 6.18 -7.67 15.33
CA GLN A 60 5.60 -9.01 15.49
CA GLN A 60 5.62 -8.99 15.58
C GLN A 60 6.64 -10.13 15.29
N HIS A 61 7.59 -9.92 14.37
CA HIS A 61 8.53 -10.97 13.95
C HIS A 61 9.94 -10.93 14.55
N VAL A 62 10.38 -9.78 15.02
CA VAL A 62 11.69 -9.67 15.62
C VAL A 62 11.61 -10.05 17.08
N GLN A 63 12.47 -10.98 17.47
CA GLN A 63 12.57 -11.45 18.86
CA GLN A 63 12.58 -11.47 18.85
C GLN A 63 13.99 -11.20 19.38
N GLY A 64 14.11 -10.63 20.57
CA GLY A 64 15.43 -10.48 21.20
C GLY A 64 16.38 -9.43 20.65
N ARG A 65 15.84 -8.49 19.86
CA ARG A 65 16.55 -7.34 19.33
C ARG A 65 15.65 -6.12 19.43
N GLU A 66 16.27 -4.97 19.61
CA GLU A 66 15.58 -3.67 19.63
CA GLU A 66 15.56 -3.69 19.63
C GLU A 66 15.32 -3.25 18.20
N ILE A 67 14.29 -2.45 17.99
CA ILE A 67 14.02 -1.85 16.66
C ILE A 67 14.08 -0.31 16.85
N TYR A 68 15.00 0.36 16.18
CA TYR A 68 15.03 1.83 16.14
C TYR A 68 14.45 2.31 14.82
N VAL A 69 13.61 3.35 14.92
CA VAL A 69 12.88 3.92 13.81
C VAL A 69 13.43 5.30 13.50
N PHE A 70 13.81 5.52 12.23
CA PHE A 70 14.35 6.80 11.74
C PHE A 70 13.25 7.47 10.93
N GLU A 71 12.84 8.65 11.33
CA GLU A 71 11.73 9.33 10.66
C GLU A 71 11.84 10.84 10.89
N ARG A 72 11.44 11.62 9.89
CA ARG A 72 11.50 13.07 9.99
CA ARG A 72 11.52 13.05 10.00
C ARG A 72 10.23 13.62 10.60
N ALA A 73 9.09 12.96 10.36
CA ALA A 73 7.82 13.41 10.91
C ALA A 73 6.90 12.22 11.23
N VAL A 74 6.59 12.01 12.50
CA VAL A 74 5.81 10.83 12.89
C VAL A 74 4.32 11.06 12.58
N ALA A 75 3.77 10.18 11.77
CA ALA A 75 2.34 10.23 11.44
C ALA A 75 1.84 8.81 11.27
N SER A 76 2.32 7.92 12.12
CA SER A 76 1.95 6.51 12.06
C SER A 76 0.55 6.22 12.58
N HIS A 77 -0.03 5.12 12.11
CA HIS A 77 -1.25 4.59 12.66
C HIS A 77 -0.91 4.34 14.18
N PRO A 78 -1.86 4.63 15.07
CA PRO A 78 -1.45 4.74 16.50
C PRO A 78 -0.80 3.47 17.07
N ASP A 79 -1.32 2.31 16.71
CA ASP A 79 -0.74 1.01 17.14
C ASP A 79 0.56 0.63 16.45
N SER A 80 1.10 1.54 15.61
CA SER A 80 2.35 1.30 14.92
C SER A 80 3.33 2.45 15.16
N THR A 81 3.30 3.03 16.37
CA THR A 81 4.09 4.17 16.72
C THR A 81 5.25 3.72 17.62
N PRO A 82 6.49 4.02 17.25
CA PRO A 82 7.62 3.63 18.09
C PRO A 82 7.65 4.43 19.39
N PRO A 83 8.02 3.79 20.49
CA PRO A 83 8.31 4.53 21.72
C PRO A 83 9.41 5.54 21.49
N GLU A 84 9.31 6.67 22.17
CA GLU A 84 10.25 7.77 22.03
C GLU A 84 11.73 7.33 22.14
N ALA A 85 12.03 6.39 23.04
CA ALA A 85 13.42 5.96 23.26
C ALA A 85 14.01 5.28 22.03
N GLN A 86 13.15 4.72 21.19
CA GLN A 86 13.55 4.02 19.97
C GLN A 86 13.28 4.81 18.71
N LEU A 87 12.91 6.08 18.86
CA LEU A 87 12.74 6.98 17.74
C LEU A 87 13.98 7.83 17.58
N ILE A 88 14.50 7.86 16.35
CA ILE A 88 15.61 8.72 15.96
C ILE A 88 15.03 9.71 14.98
N LEU A 89 14.70 10.87 15.50
CA LEU A 89 13.93 11.86 14.77
CA LEU A 89 13.93 11.88 14.78
C LEU A 89 14.83 12.81 14.00
N GLY A 90 14.49 13.03 12.75
CA GLY A 90 15.19 13.98 11.90
C GLY A 90 15.45 13.40 10.52
N ASP A 91 16.22 14.12 9.77
CA ASP A 91 16.55 13.72 8.42
C ASP A 91 17.69 12.72 8.49
N ILE A 92 17.51 11.56 7.88
CA ILE A 92 18.52 10.50 7.97
C ILE A 92 19.88 10.93 7.42
N ARG A 93 19.92 11.97 6.60
CA ARG A 93 21.21 12.44 6.10
CA ARG A 93 21.20 12.50 6.10
C ARG A 93 22.08 12.98 7.24
N GLU A 94 21.45 13.50 8.30
CA GLU A 94 22.16 13.89 9.50
CA GLU A 94 22.11 13.92 9.53
C GLU A 94 22.10 12.83 10.61
N THR A 95 20.97 12.18 10.78
CA THR A 95 20.81 11.24 11.90
C THR A 95 21.56 9.92 11.73
N LEU A 96 21.77 9.44 10.51
CA LEU A 96 22.60 8.25 10.33
C LEU A 96 24.04 8.47 10.84
N PRO A 97 24.71 9.55 10.39
CA PRO A 97 26.06 9.76 10.93
C PRO A 97 26.08 9.98 12.44
N ALA A 98 25.08 10.67 12.97
CA ALA A 98 24.98 10.88 14.43
C ALA A 98 24.82 9.53 15.19
N THR A 99 24.00 8.66 14.62
CA THR A 99 23.75 7.35 15.21
C THR A 99 25.00 6.48 15.13
N LEU A 100 25.77 6.59 14.05
CA LEU A 100 27.02 5.83 13.95
C LEU A 100 27.99 6.16 15.09
N GLU A 101 28.06 7.44 15.46
CA GLU A 101 28.89 7.84 16.61
C GLU A 101 28.37 7.23 17.91
N ARG A 102 27.07 7.11 18.03
CA ARG A 102 26.41 6.61 19.22
C ARG A 102 26.56 5.08 19.35
N PHE A 103 26.24 4.33 18.28
CA PHE A 103 26.11 2.87 18.35
C PHE A 103 27.15 2.08 17.57
N GLY A 104 27.91 2.74 16.69
CA GLY A 104 28.88 2.07 15.83
C GLY A 104 28.31 1.07 14.85
N ALA A 105 29.18 0.22 14.32
CA ALA A 105 28.81 -0.74 13.27
C ALA A 105 28.18 -2.00 13.87
N THR A 106 27.04 -1.84 14.52
CA THR A 106 26.42 -2.91 15.28
C THR A 106 25.04 -3.32 14.81
N ALA A 107 24.51 -2.71 13.76
CA ALA A 107 23.16 -3.06 13.32
C ALA A 107 23.14 -4.45 12.71
N SER A 108 22.12 -5.23 13.04
CA SER A 108 21.99 -6.58 12.47
C SER A 108 21.19 -6.57 11.19
N LEU A 109 20.28 -5.60 11.06
CA LEU A 109 19.36 -5.54 9.94
C LEU A 109 18.95 -4.09 9.75
N VAL A 110 19.09 -3.58 8.54
CA VAL A 110 18.66 -2.22 8.19
C VAL A 110 17.64 -2.38 7.07
N HIS A 111 16.44 -1.85 7.31
CA HIS A 111 15.35 -1.89 6.34
C HIS A 111 15.01 -0.47 5.88
N ALA A 112 15.00 -0.23 4.58
CA ALA A 112 14.63 1.06 4.02
C ALA A 112 13.47 0.95 3.07
N ASP A 113 12.45 1.78 3.31
CA ASP A 113 11.33 1.95 2.39
C ASP A 113 11.05 3.48 2.38
N LEU A 114 12.00 4.22 1.81
CA LEU A 114 12.05 5.67 1.89
C LEU A 114 11.44 6.36 0.67
N GLY A 115 11.06 5.57 -0.35
CA GLY A 115 10.59 6.13 -1.60
C GLY A 115 9.26 6.84 -1.53
N GLY A 116 9.11 7.87 -2.36
CA GLY A 116 7.85 8.54 -2.57
C GLY A 116 7.32 8.17 -3.94
N HIS A 117 6.53 9.05 -4.54
CA HIS A 117 5.83 8.77 -5.81
CA HIS A 117 5.86 8.68 -5.79
C HIS A 117 6.72 8.83 -7.05
N ASN A 118 7.86 9.54 -6.96
CA ASN A 118 8.74 9.77 -8.13
C ASN A 118 9.91 8.79 -8.13
N ARG A 119 9.91 7.84 -9.08
CA ARG A 119 10.92 6.79 -9.09
CA ARG A 119 10.93 6.79 -9.19
C ARG A 119 12.33 7.31 -9.36
N GLU A 120 12.47 8.36 -10.16
CA GLU A 120 13.79 8.90 -10.49
CA GLU A 120 13.81 8.86 -10.47
C GLU A 120 14.40 9.56 -9.24
N LYS A 121 13.57 10.34 -8.51
CA LYS A 121 14.02 10.96 -7.26
C LYS A 121 14.38 9.83 -6.30
N ASN A 122 13.58 8.74 -6.27
CA ASN A 122 13.89 7.65 -5.35
C ASN A 122 15.28 7.04 -5.59
N ASP A 123 15.63 6.87 -6.86
CA ASP A 123 16.91 6.31 -7.25
C ASP A 123 18.10 7.23 -6.93
N ARG A 124 17.91 8.54 -7.13
CA ARG A 124 18.96 9.50 -6.70
C ARG A 124 19.19 9.47 -5.18
N PHE A 125 18.11 9.31 -4.43
CA PHE A 125 18.21 9.24 -2.97
C PHE A 125 18.87 7.95 -2.51
N ALA A 126 18.53 6.86 -3.15
CA ALA A 126 19.16 5.57 -2.88
C ALA A 126 20.69 5.68 -3.10
N ARG A 127 21.10 6.35 -4.18
CA ARG A 127 22.51 6.55 -4.45
C ARG A 127 23.14 7.36 -3.32
N LEU A 128 22.52 8.48 -2.99
CA LEU A 128 23.06 9.34 -1.95
C LEU A 128 23.18 8.65 -0.57
N ILE A 129 22.17 7.89 -0.18
CA ILE A 129 22.14 7.34 1.18
CA ILE A 129 22.11 7.35 1.17
C ILE A 129 22.93 6.05 1.35
N SER A 130 23.27 5.40 0.27
CA SER A 130 23.97 4.12 0.36
C SER A 130 25.27 4.21 1.21
N PRO A 131 26.16 5.17 0.94
CA PRO A 131 27.38 5.23 1.77
C PRO A 131 27.10 5.68 3.21
N LEU A 132 25.93 6.26 3.47
CA LEU A 132 25.56 6.61 4.84
C LEU A 132 25.06 5.41 5.62
N ILE A 133 24.45 4.45 4.93
CA ILE A 133 23.95 3.26 5.56
C ILE A 133 25.01 2.17 5.78
N GLU A 134 25.86 1.97 4.79
CA GLU A 134 26.83 0.86 4.77
C GLU A 134 27.65 0.69 6.07
N PRO A 135 28.20 1.78 6.63
CA PRO A 135 29.02 1.63 7.85
C PRO A 135 28.30 1.12 9.12
N HIS A 136 26.96 1.06 9.08
CA HIS A 136 26.18 0.68 10.24
C HIS A 136 26.08 -0.82 10.49
N LEU A 137 26.31 -1.62 9.46
CA LEU A 137 26.08 -3.05 9.52
C LEU A 137 27.22 -3.80 10.25
N ALA A 138 26.82 -4.62 11.20
CA ALA A 138 27.72 -5.63 11.78
C ALA A 138 28.06 -6.70 10.74
N GLN A 139 29.16 -7.40 10.99
CA GLN A 139 29.44 -8.59 10.17
C GLN A 139 28.28 -9.55 10.23
N GLY A 140 27.86 -10.01 9.06
CA GLY A 140 26.69 -10.85 8.91
C GLY A 140 25.36 -10.10 8.82
N GLY A 141 25.39 -8.79 9.04
CA GLY A 141 24.19 -7.96 8.94
C GLY A 141 23.63 -7.89 7.54
N LEU A 142 22.32 -7.69 7.46
CA LEU A 142 21.64 -7.60 6.17
CA LEU A 142 21.64 -7.60 6.17
C LEU A 142 21.00 -6.22 6.01
N VAL A 144 17.91 -4.53 3.64
CA VAL A 144 16.77 -4.79 2.75
C VAL A 144 16.18 -3.43 2.34
N SER A 145 16.02 -3.23 1.04
CA SER A 145 15.54 -1.96 0.52
C SER A 145 14.51 -2.15 -0.59
N SER A 146 13.57 -1.21 -0.69
CA SER A 146 12.65 -1.18 -1.79
C SER A 146 13.22 -0.37 -2.97
N ASP A 147 14.48 0.09 -2.86
CA ASP A 147 15.22 0.72 -3.95
C ASP A 147 16.56 -0.03 -4.17
N ARG A 148 16.95 -0.25 -5.41
CA ARG A 148 18.29 -0.71 -5.72
C ARG A 148 19.37 0.21 -5.11
N TYR A 150 23.58 1.28 -3.89
CA TYR A 150 24.86 1.50 -4.49
C TYR A 150 25.98 1.37 -3.45
N PHE A 151 26.20 0.15 -2.99
CA PHE A 151 27.14 -0.13 -1.92
C PHE A 151 28.54 -0.46 -2.45
N GLU A 152 29.55 -0.28 -1.60
CA GLU A 152 30.95 -0.58 -1.96
C GLU A 152 31.34 -2.02 -1.64
N GLY A 153 30.90 -2.51 -0.49
CA GLY A 153 31.36 -3.77 0.07
C GLY A 153 30.28 -4.82 0.28
N LEU A 154 29.01 -4.42 0.38
CA LEU A 154 27.93 -5.37 0.65
C LEU A 154 27.57 -6.16 -0.61
N GLU A 155 27.38 -7.46 -0.43
CA GLU A 155 27.08 -8.40 -1.51
C GLU A 155 25.56 -8.53 -1.65
N GLU A 156 25.06 -8.52 -2.88
CA GLU A 156 23.65 -8.72 -3.10
C GLU A 156 23.36 -10.22 -2.96
N LEU A 157 22.29 -10.56 -2.26
CA LEU A 157 21.82 -11.91 -2.10
C LEU A 157 20.61 -12.21 -2.99
N PRO A 158 20.45 -13.47 -3.39
CA PRO A 158 19.25 -13.85 -4.09
C PRO A 158 18.01 -13.71 -3.22
N LEU A 159 16.91 -13.38 -3.88
CA LEU A 159 15.66 -13.17 -3.20
C LEU A 159 15.04 -14.51 -2.75
N PRO A 160 14.35 -14.49 -1.60
CA PRO A 160 13.61 -15.67 -1.15
C PRO A 160 12.26 -15.86 -1.83
N PRO A 161 11.68 -17.06 -1.67
CA PRO A 161 10.37 -17.34 -2.22
C PRO A 161 9.35 -16.31 -1.75
N GLY A 162 8.50 -15.90 -2.70
CA GLY A 162 7.47 -14.92 -2.47
C GLY A 162 7.86 -13.52 -2.91
N ALA A 163 9.15 -13.23 -2.98
CA ALA A 163 9.59 -11.90 -3.39
C ALA A 163 9.47 -11.74 -4.89
N VAL A 164 9.37 -10.49 -5.35
CA VAL A 164 9.27 -10.19 -6.77
C VAL A 164 10.51 -9.43 -7.20
N VAL A 165 11.16 -9.90 -8.27
CA VAL A 165 12.43 -9.32 -8.69
C VAL A 165 12.18 -7.84 -9.03
N GLY A 166 13.06 -6.98 -8.53
CA GLY A 166 12.98 -5.54 -8.80
C GLY A 166 12.21 -4.73 -7.75
N ARG A 167 11.50 -5.39 -6.83
CA ARG A 167 10.70 -4.67 -5.81
C ARG A 167 11.47 -4.40 -4.53
N CYS A 168 12.02 -5.44 -3.94
CA CYS A 168 12.99 -5.33 -2.82
C CYS A 168 14.35 -5.97 -3.21
N PHE A 169 15.40 -5.52 -2.55
CA PHE A 169 16.77 -5.95 -2.78
C PHE A 169 17.39 -6.26 -1.41
N ILE A 170 18.21 -7.31 -1.38
CA ILE A 170 18.84 -7.74 -0.12
C ILE A 170 20.35 -7.75 -0.26
N TYR A 171 21.04 -7.13 0.70
CA TYR A 171 22.49 -7.07 0.71
C TYR A 171 23.03 -7.54 2.05
N ARG A 172 24.26 -8.04 2.04
CA ARG A 172 24.87 -8.60 3.26
C ARG A 172 26.30 -8.09 3.47
N ARG A 173 26.66 -7.81 4.71
CA ARG A 173 28.05 -7.55 5.05
C ARG A 173 28.76 -8.87 5.29
N GLY A 174 29.62 -9.26 4.36
CA GLY A 174 30.33 -10.52 4.46
C GLY A 174 31.42 -10.51 5.52
N GLU B 12 -1.50 -15.43 13.22
CA GLU B 12 -1.53 -14.04 13.77
C GLU B 12 -1.09 -12.99 12.74
N GLN B 13 -2.04 -12.22 12.24
CA GLN B 13 -1.77 -11.32 11.14
C GLN B 13 -1.31 -9.93 11.62
N SER B 14 -0.23 -9.42 11.02
CA SER B 14 0.21 -8.04 11.25
C SER B 14 -0.60 -7.08 10.40
N ARG B 15 -0.36 -5.79 10.57
CA ARG B 15 -1.01 -4.80 9.73
C ARG B 15 -0.54 -4.90 8.25
N LEU B 16 0.69 -5.33 8.04
CA LEU B 16 1.22 -5.58 6.67
C LEU B 16 0.46 -6.77 6.05
N ASP B 17 0.32 -7.87 6.80
CA ASP B 17 -0.45 -9.04 6.31
C ASP B 17 -1.88 -8.66 5.93
N LEU B 18 -2.54 -7.89 6.78
CA LEU B 18 -3.93 -7.46 6.55
C LEU B 18 -4.07 -6.59 5.31
N PHE B 19 -3.14 -5.67 5.10
CA PHE B 19 -3.25 -4.75 3.96
C PHE B 19 -2.90 -5.45 2.64
N ILE B 20 -1.98 -6.42 2.71
CA ILE B 20 -1.70 -7.28 1.54
C ILE B 20 -3.02 -7.99 1.15
N ASP B 21 -3.65 -8.66 2.10
CA ASP B 21 -4.93 -9.37 1.83
C ASP B 21 -6.00 -8.41 1.28
N ARG B 22 -6.10 -7.20 1.84
CA ARG B 22 -7.04 -6.24 1.30
C ARG B 22 -6.79 -5.93 -0.16
N VAL B 24 -4.74 -7.45 -2.46
CA VAL B 24 -4.82 -8.64 -3.34
C VAL B 24 -6.27 -9.00 -3.67
N SER B 25 -7.13 -9.00 -2.64
CA SER B 25 -8.57 -9.24 -2.85
C SER B 25 -9.23 -8.16 -3.69
N GLN B 26 -8.94 -6.89 -3.44
CA GLN B 26 -9.54 -5.82 -4.25
C GLN B 26 -9.19 -6.01 -5.72
N ARG B 27 -7.92 -6.25 -6.00
CA ARG B 27 -7.46 -6.42 -7.38
C ARG B 27 -8.16 -7.59 -8.07
N ALA B 28 -8.19 -8.74 -7.40
CA ALA B 28 -8.79 -9.99 -7.97
C ALA B 28 -10.28 -9.75 -8.23
N CYS B 29 -10.95 -9.14 -7.27
CA CYS B 29 -12.39 -8.86 -7.41
C CYS B 29 -12.68 -7.88 -8.52
N LEU B 30 -11.89 -6.82 -8.60
CA LEU B 30 -12.10 -5.79 -9.61
CA LEU B 30 -12.10 -5.80 -9.60
C LEU B 30 -11.86 -6.34 -11.00
N GLU B 31 -10.76 -7.08 -11.18
CA GLU B 31 -10.45 -7.58 -12.53
C GLU B 31 -11.53 -8.54 -13.02
N HIS B 32 -12.04 -9.37 -12.11
CA HIS B 32 -13.10 -10.31 -12.43
C HIS B 32 -14.40 -9.58 -12.75
N ALA B 33 -14.73 -8.57 -11.94
CA ALA B 33 -15.92 -7.74 -12.15
C ALA B 33 -15.90 -6.97 -13.47
N ILE B 34 -14.73 -6.41 -13.82
CA ILE B 34 -14.55 -5.66 -15.05
C ILE B 34 -14.83 -6.59 -16.23
N ALA B 35 -14.26 -7.80 -16.16
CA ALA B 35 -14.43 -8.78 -17.23
C ALA B 35 -15.90 -9.23 -17.35
N GLN B 36 -16.53 -9.53 -16.23
CA GLN B 36 -17.91 -9.96 -16.21
C GLN B 36 -18.89 -8.90 -16.76
N THR B 37 -18.50 -7.63 -16.70
CA THR B 37 -19.33 -6.51 -17.19
C THR B 37 -18.81 -5.92 -18.51
N ALA B 38 -17.85 -6.59 -19.13
CA ALA B 38 -17.22 -6.08 -20.35
C ALA B 38 -18.18 -5.99 -21.55
N GLY B 39 -19.32 -6.70 -21.50
CA GLY B 39 -20.33 -6.60 -22.53
C GLY B 39 -21.28 -5.42 -22.40
N LEU B 40 -21.16 -4.67 -21.31
CA LEU B 40 -22.04 -3.52 -21.01
C LEU B 40 -21.34 -2.24 -21.44
N SER B 41 -22.12 -1.24 -21.84
CA SER B 41 -21.51 -0.02 -22.40
C SER B 41 -21.52 1.16 -21.40
N GLY B 42 -22.32 1.04 -20.36
CA GLY B 42 -22.42 2.08 -19.33
C GLY B 42 -21.17 2.24 -18.47
N PRO B 43 -21.04 3.39 -17.79
CA PRO B 43 -19.78 3.72 -17.16
C PRO B 43 -19.45 2.92 -15.89
N VAL B 44 -18.18 3.01 -15.52
CA VAL B 44 -17.67 2.51 -14.26
C VAL B 44 -17.57 3.70 -13.28
N TYR B 45 -18.13 3.53 -12.09
CA TYR B 45 -18.01 4.53 -11.02
C TYR B 45 -17.06 4.04 -9.94
N GLU B 46 -16.04 4.84 -9.68
CA GLU B 46 -15.05 4.62 -8.64
C GLU B 46 -15.39 5.60 -7.50
N LEU B 47 -15.79 5.07 -6.36
CA LEU B 47 -16.20 5.90 -5.21
C LEU B 47 -15.00 6.04 -4.31
N GLY B 48 -14.33 7.19 -4.41
CA GLY B 48 -13.10 7.48 -3.64
C GLY B 48 -11.89 7.34 -4.55
N LEU B 49 -11.12 8.40 -4.67
CA LEU B 49 -9.91 8.42 -5.49
C LEU B 49 -8.69 8.13 -4.65
N GLY B 50 -8.58 8.82 -3.52
CA GLY B 50 -7.43 8.72 -2.63
C GLY B 50 -6.15 9.02 -3.38
N ASN B 51 -5.17 8.15 -3.25
CA ASN B 51 -3.91 8.35 -3.97
C ASN B 51 -3.99 7.98 -5.45
N GLY B 52 -5.08 7.31 -5.86
CA GLY B 52 -5.32 7.07 -7.27
C GLY B 52 -4.77 5.75 -7.81
N ARG B 53 -4.21 4.90 -6.94
CA ARG B 53 -3.69 3.61 -7.41
CA ARG B 53 -3.70 3.58 -7.36
C ARG B 53 -4.77 2.77 -8.04
N THR B 54 -5.95 2.73 -7.43
CA THR B 54 -7.03 1.92 -7.96
C THR B 54 -7.55 2.50 -9.27
N TYR B 55 -7.74 3.82 -9.32
CA TYR B 55 -8.09 4.45 -10.59
C TYR B 55 -7.08 4.11 -11.69
N HIS B 56 -5.78 4.19 -11.36
CA HIS B 56 -4.72 3.86 -12.33
C HIS B 56 -4.91 2.43 -12.86
N HIS B 57 -5.28 1.52 -11.98
CA HIS B 57 -5.57 0.12 -12.34
C HIS B 57 -6.77 0.01 -13.26
N LEU B 58 -7.82 0.74 -12.90
CA LEU B 58 -9.04 0.73 -13.70
C LEU B 58 -8.74 1.19 -15.11
N ARG B 59 -7.89 2.20 -15.26
CA ARG B 59 -7.54 2.73 -16.58
C ARG B 59 -6.86 1.68 -17.44
N GLN B 60 -6.09 0.80 -16.84
CA GLN B 60 -5.38 -0.25 -17.58
C GLN B 60 -6.26 -1.43 -17.94
N HIS B 61 -7.42 -1.58 -17.31
CA HIS B 61 -8.21 -2.81 -17.48
C HIS B 61 -9.59 -2.61 -18.07
N VAL B 62 -10.25 -1.49 -17.77
CA VAL B 62 -11.53 -1.17 -18.38
C VAL B 62 -11.33 -0.80 -19.83
N GLN B 63 -12.13 -1.42 -20.70
CA GLN B 63 -12.11 -1.16 -22.14
C GLN B 63 -13.50 -0.76 -22.65
N GLY B 64 -13.57 0.24 -23.51
CA GLY B 64 -14.83 0.64 -24.15
C GLY B 64 -15.88 1.25 -23.22
N ARG B 65 -15.44 1.74 -22.06
CA ARG B 65 -16.33 2.42 -21.13
C ARG B 65 -15.63 3.57 -20.45
N GLU B 66 -16.40 4.58 -20.05
CA GLU B 66 -15.88 5.70 -19.28
CA GLU B 66 -15.89 5.71 -19.27
C GLU B 66 -15.77 5.34 -17.80
N ILE B 67 -14.83 5.97 -17.11
CA ILE B 67 -14.67 5.83 -15.68
C ILE B 67 -14.91 7.20 -15.04
N TYR B 68 -15.93 7.30 -14.21
CA TYR B 68 -16.16 8.51 -13.39
C TYR B 68 -15.69 8.22 -11.96
N VAL B 69 -14.99 9.18 -11.36
CA VAL B 69 -14.46 9.09 -10.01
C VAL B 69 -15.17 10.10 -9.10
N PHE B 70 -15.69 9.58 -8.01
CA PHE B 70 -16.37 10.39 -6.98
C PHE B 70 -15.36 10.63 -5.86
N GLU B 71 -15.15 11.90 -5.52
CA GLU B 71 -14.19 12.26 -4.50
C GLU B 71 -14.61 13.56 -3.83
N ARG B 72 -14.34 13.67 -2.54
CA ARG B 72 -14.45 14.96 -1.82
C ARG B 72 -13.44 15.99 -2.31
N ALA B 73 -12.16 15.72 -2.16
CA ALA B 73 -11.12 16.65 -2.62
C ALA B 73 -9.97 15.86 -3.21
N VAL B 74 -9.47 16.30 -4.36
CA VAL B 74 -8.43 15.55 -5.06
C VAL B 74 -7.10 15.71 -4.34
N ALA B 75 -6.43 14.58 -4.09
CA ALA B 75 -5.11 14.55 -3.46
C ALA B 75 -4.20 13.49 -4.12
N SER B 76 -4.45 13.20 -5.39
CA SER B 76 -3.71 12.19 -6.14
C SER B 76 -2.64 12.89 -6.97
N HIS B 77 -1.57 12.18 -7.28
CA HIS B 77 -0.57 12.67 -8.23
C HIS B 77 -1.24 12.80 -9.62
N PRO B 78 -0.77 13.76 -10.46
CA PRO B 78 -1.26 13.91 -11.84
C PRO B 78 -1.35 12.63 -12.69
N ASP B 79 -0.38 11.72 -12.51
CA ASP B 79 -0.37 10.45 -13.26
C ASP B 79 -1.54 9.51 -12.92
N SER B 80 -2.22 9.77 -11.80
CA SER B 80 -3.38 8.99 -11.37
C SER B 80 -4.56 9.89 -11.00
N THR B 81 -4.73 10.97 -11.75
CA THR B 81 -5.85 11.88 -11.54
C THR B 81 -6.71 11.84 -12.78
N PRO B 82 -8.02 11.58 -12.63
CA PRO B 82 -8.89 11.60 -13.81
C PRO B 82 -8.97 12.97 -14.43
N PRO B 83 -9.34 13.04 -15.72
CA PRO B 83 -9.67 14.32 -16.36
C PRO B 83 -10.85 15.00 -15.64
N GLU B 84 -10.86 16.32 -15.70
CA GLU B 84 -11.89 17.14 -15.05
CA GLU B 84 -11.89 17.12 -15.02
C GLU B 84 -13.28 16.63 -15.37
N ALA B 85 -13.49 16.34 -16.64
CA ALA B 85 -14.80 15.90 -17.12
C ALA B 85 -15.31 14.63 -16.43
N GLN B 86 -14.40 13.79 -15.91
CA GLN B 86 -14.78 12.51 -15.27
C GLN B 86 -14.66 12.53 -13.75
N LEU B 87 -14.46 13.71 -13.17
CA LEU B 87 -14.33 13.88 -11.72
C LEU B 87 -15.65 14.43 -11.21
N ILE B 88 -16.29 13.74 -10.26
CA ILE B 88 -17.56 14.19 -9.67
C ILE B 88 -17.23 14.55 -8.22
N LEU B 89 -17.08 15.85 -7.94
CA LEU B 89 -16.52 16.31 -6.68
C LEU B 89 -17.63 16.61 -5.69
N GLY B 90 -17.45 16.18 -4.44
CA GLY B 90 -18.36 16.49 -3.34
C GLY B 90 -18.69 15.28 -2.50
N ASP B 91 -19.53 15.50 -1.49
CA ASP B 91 -20.01 14.46 -0.57
C ASP B 91 -20.92 13.51 -1.36
N ILE B 92 -20.63 12.20 -1.33
CA ILE B 92 -21.46 11.26 -2.10
C ILE B 92 -22.92 11.18 -1.67
N ARG B 93 -23.25 11.64 -0.46
CA ARG B 93 -24.66 11.68 -0.05
C ARG B 93 -25.45 12.60 -0.99
N GLU B 94 -24.77 13.61 -1.52
CA GLU B 94 -25.36 14.53 -2.47
C GLU B 94 -25.05 14.15 -3.92
N THR B 95 -23.82 13.74 -4.19
CA THR B 95 -23.36 13.58 -5.58
C THR B 95 -23.87 12.29 -6.22
N LEU B 96 -24.12 11.24 -5.44
CA LEU B 96 -24.74 10.05 -6.04
C LEU B 96 -26.18 10.37 -6.54
N PRO B 97 -27.05 10.92 -5.67
CA PRO B 97 -28.36 11.34 -6.17
C PRO B 97 -28.34 12.34 -7.34
N ALA B 98 -27.42 13.30 -7.31
CA ALA B 98 -27.31 14.24 -8.40
C ALA B 98 -26.89 13.50 -9.69
N THR B 99 -25.97 12.57 -9.56
CA THR B 99 -25.52 11.80 -10.71
C THR B 99 -26.66 10.92 -11.27
N LEU B 100 -27.48 10.35 -10.39
CA LEU B 100 -28.61 9.53 -10.83
C LEU B 100 -29.57 10.32 -11.75
N GLU B 101 -29.82 11.59 -11.41
CA GLU B 101 -30.71 12.42 -12.22
C GLU B 101 -30.07 12.68 -13.58
N ARG B 102 -28.76 12.75 -13.60
CA ARG B 102 -27.97 13.05 -14.80
C ARG B 102 -27.77 11.86 -15.76
N PHE B 103 -27.44 10.69 -15.22
CA PHE B 103 -27.13 9.51 -16.02
C PHE B 103 -28.10 8.34 -15.87
N GLY B 104 -28.96 8.33 -14.86
CA GLY B 104 -29.91 7.21 -14.69
C GLY B 104 -29.26 5.87 -14.36
N ALA B 105 -30.00 4.78 -14.56
CA ALA B 105 -29.61 3.46 -14.09
C ALA B 105 -28.78 2.75 -15.16
N THR B 106 -27.67 3.37 -15.55
CA THR B 106 -26.85 2.90 -16.64
C THR B 106 -25.46 2.42 -16.24
N ALA B 107 -25.09 2.49 -14.97
CA ALA B 107 -23.72 2.12 -14.58
C ALA B 107 -23.53 0.62 -14.75
N SER B 108 -22.36 0.24 -15.27
CA SER B 108 -22.00 -1.18 -15.44
C SER B 108 -21.29 -1.75 -14.23
N LEU B 109 -20.59 -0.89 -13.50
CA LEU B 109 -19.75 -1.34 -12.40
C LEU B 109 -19.56 -0.20 -11.43
N VAL B 110 -19.84 -0.47 -10.16
CA VAL B 110 -19.59 0.50 -9.09
C VAL B 110 -18.66 -0.15 -8.07
N HIS B 111 -17.57 0.54 -7.76
CA HIS B 111 -16.56 0.05 -6.83
C HIS B 111 -16.35 1.00 -5.65
N ALA B 112 -16.23 0.42 -4.46
CA ALA B 112 -15.88 1.20 -3.25
C ALA B 112 -14.91 0.43 -2.33
N ASP B 113 -13.84 1.11 -1.89
CA ASP B 113 -13.10 0.75 -0.65
C ASP B 113 -13.38 1.75 0.46
N LEU B 114 -13.75 1.24 1.63
CA LEU B 114 -14.20 2.13 2.69
C LEU B 114 -13.04 2.79 3.47
N GLY B 115 -12.04 2.02 3.86
CA GLY B 115 -10.96 2.53 4.72
C GLY B 115 -11.09 2.02 6.16
N HIS B 117 -10.88 0.53 8.52
CA HIS B 117 -10.77 -0.81 9.11
C HIS B 117 -11.63 -0.96 10.40
N ASN B 118 -12.34 0.11 10.78
CA ASN B 118 -13.18 0.15 11.98
C ASN B 118 -14.63 -0.39 11.78
N ARG B 119 -14.89 -1.58 12.34
CA ARG B 119 -16.12 -2.33 12.11
C ARG B 119 -17.41 -1.50 12.07
N GLU B 120 -17.75 -0.86 13.19
CA GLU B 120 -19.06 -0.20 13.36
C GLU B 120 -19.30 0.98 12.43
N LYS B 121 -18.27 1.82 12.25
CA LYS B 121 -18.37 3.01 11.39
C LYS B 121 -18.59 2.60 9.94
N ASN B 122 -17.69 1.75 9.45
CA ASN B 122 -17.80 1.13 8.14
C ASN B 122 -19.16 0.52 7.88
N ASP B 123 -19.65 -0.23 8.85
CA ASP B 123 -20.94 -0.86 8.70
C ASP B 123 -22.06 0.16 8.59
N ARG B 124 -22.01 1.21 9.43
CA ARG B 124 -23.03 2.25 9.33
C ARG B 124 -22.95 2.94 7.98
N PHE B 125 -21.73 3.19 7.52
CA PHE B 125 -21.52 3.81 6.21
C PHE B 125 -21.95 2.91 5.06
N ALA B 126 -21.69 1.61 5.16
CA ALA B 126 -22.17 0.65 4.16
C ALA B 126 -23.70 0.65 4.10
N ARG B 127 -24.34 0.75 5.26
CA ARG B 127 -25.80 0.86 5.32
C ARG B 127 -26.31 2.18 4.73
N LEU B 128 -25.60 3.27 4.98
CA LEU B 128 -25.94 4.58 4.40
C LEU B 128 -25.87 4.59 2.88
N ILE B 129 -24.76 4.09 2.32
CA ILE B 129 -24.51 4.23 0.87
C ILE B 129 -25.16 3.14 0.02
N SER B 130 -25.49 2.00 0.63
CA SER B 130 -26.13 0.92 -0.15
C SER B 130 -27.38 1.41 -0.92
N PRO B 131 -28.35 2.03 -0.22
CA PRO B 131 -29.52 2.52 -0.97
C PRO B 131 -29.19 3.66 -1.95
N LEU B 132 -28.11 4.41 -1.74
CA LEU B 132 -27.68 5.43 -2.71
C LEU B 132 -27.13 4.81 -4.00
N ILE B 133 -26.41 3.70 -3.86
CA ILE B 133 -25.71 3.07 -4.98
C ILE B 133 -26.68 2.24 -5.84
N GLU B 134 -27.57 1.50 -5.18
CA GLU B 134 -28.37 0.48 -5.86
C GLU B 134 -29.10 0.92 -7.15
N PRO B 135 -29.80 2.08 -7.13
CA PRO B 135 -30.53 2.55 -8.32
C PRO B 135 -29.65 2.88 -9.53
N HIS B 136 -28.34 2.98 -9.34
CA HIS B 136 -27.46 3.34 -10.46
C HIS B 136 -27.15 2.18 -11.41
N LEU B 137 -27.31 0.95 -10.95
CA LEU B 137 -26.83 -0.20 -11.71
C LEU B 137 -27.76 -0.59 -12.87
N ALA B 138 -27.20 -0.67 -14.06
CA ALA B 138 -27.88 -1.26 -15.21
C ALA B 138 -28.07 -2.75 -14.96
N GLN B 139 -29.04 -3.36 -15.65
CA GLN B 139 -29.20 -4.82 -15.62
C GLN B 139 -27.88 -5.50 -15.99
N GLY B 140 -27.45 -6.47 -15.19
CA GLY B 140 -26.15 -7.13 -15.36
C GLY B 140 -24.97 -6.42 -14.72
N GLY B 141 -25.21 -5.21 -14.22
CA GLY B 141 -24.16 -4.41 -13.54
C GLY B 141 -23.73 -5.00 -12.22
N LEU B 142 -22.46 -4.79 -11.87
CA LEU B 142 -21.93 -5.32 -10.63
C LEU B 142 -21.51 -4.18 -9.69
N VAL B 144 -18.75 -3.86 -6.51
CA VAL B 144 -17.64 -4.47 -5.76
C VAL B 144 -17.31 -3.59 -4.57
N SER B 145 -17.21 -4.18 -3.38
CA SER B 145 -16.96 -3.43 -2.15
C SER B 145 -15.96 -4.13 -1.22
N SER B 146 -15.23 -3.34 -0.45
CA SER B 146 -14.38 -3.82 0.64
C SER B 146 -15.20 -4.34 1.83
N ASP B 147 -16.48 -3.91 1.92
CA ASP B 147 -17.32 -4.26 3.06
C ASP B 147 -18.66 -4.82 2.65
N ARG B 148 -19.26 -5.63 3.52
CA ARG B 148 -20.61 -6.13 3.29
C ARG B 148 -21.60 -4.97 3.07
N TYR B 150 -25.82 -3.75 1.82
CA TYR B 150 -27.18 -4.02 2.25
C TYR B 150 -28.13 -3.62 1.15
N PHE B 151 -28.23 -4.45 0.14
CA PHE B 151 -29.06 -4.14 -1.01
C PHE B 151 -30.44 -4.80 -0.92
N GLU B 152 -31.41 -4.23 -1.62
CA GLU B 152 -32.76 -4.76 -1.66
C GLU B 152 -32.87 -5.88 -2.67
N GLY B 153 -32.36 -5.65 -3.89
CA GLY B 153 -32.53 -6.59 -4.99
C GLY B 153 -31.28 -6.96 -5.76
N LEU B 154 -30.09 -6.74 -5.20
CA LEU B 154 -28.85 -7.19 -5.83
C LEU B 154 -28.43 -8.53 -5.21
N GLU B 155 -27.99 -9.46 -6.05
CA GLU B 155 -27.56 -10.78 -5.56
C GLU B 155 -26.07 -10.81 -5.33
N GLU B 156 -25.65 -11.45 -4.24
CA GLU B 156 -24.25 -11.60 -3.95
C GLU B 156 -23.66 -12.74 -4.79
N LEU B 157 -22.53 -12.49 -5.43
CA LEU B 157 -21.85 -13.48 -6.25
C LEU B 157 -20.73 -14.14 -5.47
N PRO B 158 -20.29 -15.35 -5.89
CA PRO B 158 -19.12 -15.99 -5.31
C PRO B 158 -17.89 -15.19 -5.58
N LEU B 159 -16.89 -15.29 -4.71
CA LEU B 159 -15.64 -14.60 -4.91
C LEU B 159 -14.84 -15.35 -5.95
N PRO B 160 -14.03 -14.61 -6.72
CA PRO B 160 -13.12 -15.23 -7.67
C PRO B 160 -11.89 -15.78 -7.00
N PRO B 161 -11.14 -16.64 -7.74
CA PRO B 161 -9.87 -17.13 -7.23
C PRO B 161 -8.99 -15.98 -6.87
N GLY B 162 -8.25 -16.10 -5.78
CA GLY B 162 -7.35 -15.05 -5.34
C GLY B 162 -7.91 -14.10 -4.26
N ALA B 163 -9.22 -13.92 -4.24
CA ALA B 163 -9.85 -13.01 -3.27
C ALA B 163 -9.97 -13.70 -1.91
N VAL B 164 -9.65 -12.97 -0.82
CA VAL B 164 -9.77 -13.50 0.55
C VAL B 164 -11.19 -13.28 1.05
N VAL B 165 -11.89 -14.35 1.40
CA VAL B 165 -13.27 -14.22 1.88
C VAL B 165 -13.34 -13.24 3.03
N GLY B 166 -14.34 -12.36 3.00
CA GLY B 166 -14.53 -11.36 4.04
C GLY B 166 -13.76 -10.07 3.80
N ARG B 167 -12.78 -10.06 2.88
CA ARG B 167 -11.96 -8.87 2.67
C ARG B 167 -12.43 -8.01 1.48
N CYS B 168 -13.32 -8.59 0.67
CA CYS B 168 -13.91 -7.92 -0.48
C CYS B 168 -15.23 -8.64 -0.84
N PHE B 169 -16.20 -7.96 -1.47
CA PHE B 169 -17.57 -8.50 -1.74
C PHE B 169 -18.07 -8.06 -3.11
N ILE B 170 -18.87 -8.92 -3.76
CA ILE B 170 -19.37 -8.65 -5.11
C ILE B 170 -20.86 -8.89 -5.20
N TYR B 171 -21.58 -7.92 -5.77
CA TYR B 171 -23.03 -8.01 -5.91
C TYR B 171 -23.42 -7.70 -7.34
N ARG B 172 -24.60 -8.21 -7.74
CA ARG B 172 -25.08 -8.12 -9.13
C ARG B 172 -26.55 -7.78 -9.25
N ARG B 173 -26.87 -6.93 -10.21
CA ARG B 173 -28.27 -6.66 -10.53
C ARG B 173 -28.81 -7.69 -11.54
#